data_4JO8
#
_entry.id   4JO8
#
_cell.length_a   87.870
_cell.length_b   87.870
_cell.length_c   133.370
_cell.angle_alpha   90.00
_cell.angle_beta   90.00
_cell.angle_gamma   120.00
#
_symmetry.space_group_name_H-M   'P 31 1 2'
#
loop_
_entity.id
_entity.type
_entity.pdbx_description
1 polymer M157
2 polymer 'Killer cell lectin-like receptor 8'
3 non-polymer 2-acetamido-2-deoxy-beta-D-glucopyranose
#
loop_
_entity_poly.entity_id
_entity_poly.type
_entity_poly.pdbx_seq_one_letter_code
_entity_poly.pdbx_strand_id
1 'polypeptide(L)'
;AGDMYIVNPDDLQLTFTMEFEVTVTRDGFHKRTISVDNGRPVVVWDGGDKDPKICKICPAVNSINTENIFLDIQKMRLNN
LLAQGLWDIQRICVRYVCLFLGFDVVCDVYHTTDRVRAAYTRQTGKIDIQGSGTFSTSDAKGIGTYMIESNVREIKNKWR
PTVQKLKQLGYMNETEVEFWYNTTGLTTCVVTSRSNVPFTVELSLNTNSSAIVTEESTVDCQTVTVKAPGSHAQRCYVTS
SLGWKGVVTPPSQYRTKRAPVNIHHHHHH
;
A
2 'polypeptide(L)'
;MGSMELLEYIKREQERWDSETKSVSDSSRDTGRGVKYWFCYGTKCYYFIMNKTTWSGCKANCQHYSVPIVKIEDEDELKF
LQRHVILESYWIGLSYDKKKKEWAWIHNGQSKLDMKIKKMNFTSRGCVFLSKARIEDTDCNTPYYCICGKKLDKFPD
;
B
#
loop_
_chem_comp.id
_chem_comp.type
_chem_comp.name
_chem_comp.formula
NAG D-saccharide, beta linking 2-acetamido-2-deoxy-beta-D-glucopyranose 'C8 H15 N O6'
#
# COMPACT_ATOMS: atom_id res chain seq x y z
N ILE A 6 -21.96 12.41 17.42
CA ILE A 6 -21.13 13.50 16.90
C ILE A 6 -19.85 12.97 16.27
N VAL A 7 -19.59 13.38 15.04
CA VAL A 7 -18.39 12.95 14.32
C VAL A 7 -17.44 14.11 14.08
N ASN A 8 -16.26 13.81 13.53
CA ASN A 8 -15.26 14.83 13.25
C ASN A 8 -15.34 15.31 11.80
N PRO A 9 -15.37 16.63 11.63
CA PRO A 9 -15.44 17.23 10.29
C PRO A 9 -14.10 17.19 9.58
N ASP A 10 -13.01 17.44 10.32
CA ASP A 10 -11.67 17.45 9.74
C ASP A 10 -11.25 16.08 9.19
N ASP A 11 -11.73 14.99 9.80
CA ASP A 11 -11.41 13.62 9.41
C ASP A 11 -12.37 13.12 8.32
N LEU A 12 -13.61 13.66 8.29
CA LEU A 12 -14.64 13.34 7.28
C LEU A 12 -14.27 13.95 5.94
N GLN A 13 -13.64 15.13 5.95
CA GLN A 13 -13.21 15.85 4.75
C GLN A 13 -12.08 15.11 4.04
N LEU A 14 -11.11 14.57 4.81
CA LEU A 14 -9.94 13.87 4.25
C LEU A 14 -10.36 12.66 3.41
N THR A 15 -9.84 12.62 2.17
CA THR A 15 -10.08 11.52 1.23
C THR A 15 -8.71 10.93 0.89
N PHE A 16 -8.59 9.62 1.13
CA PHE A 16 -7.33 8.89 0.93
C PHE A 16 -7.60 7.44 0.62
N THR A 17 -6.58 6.74 0.10
CA THR A 17 -6.70 5.32 -0.15
C THR A 17 -5.67 4.59 0.71
N MET A 18 -6.15 3.55 1.43
CA MET A 18 -5.37 2.63 2.23
C MET A 18 -5.24 1.34 1.41
N GLU A 19 -4.01 0.82 1.28
CA GLU A 19 -3.76 -0.35 0.46
C GLU A 19 -3.18 -1.49 1.31
N PHE A 20 -4.03 -2.49 1.59
CA PHE A 20 -3.67 -3.69 2.38
C PHE A 20 -3.26 -4.80 1.42
N GLU A 21 -2.02 -5.31 1.50
CA GLU A 21 -1.54 -6.35 0.55
C GLU A 21 -0.87 -7.50 1.30
N VAL A 22 -1.22 -8.76 0.92
CA VAL A 22 -0.67 -9.94 1.57
C VAL A 22 -0.10 -10.88 0.51
N THR A 23 1.11 -11.41 0.75
CA THR A 23 1.81 -12.35 -0.13
C THR A 23 2.08 -13.59 0.67
N VAL A 24 1.95 -14.79 0.05
CA VAL A 24 2.16 -16.09 0.70
C VAL A 24 2.70 -17.07 -0.34
N THR A 25 3.74 -17.80 0.04
CA THR A 25 4.37 -18.80 -0.81
C THR A 25 4.18 -20.16 -0.15
N ARG A 26 3.95 -21.21 -0.96
CA ARG A 26 3.78 -22.58 -0.46
C ARG A 26 5.00 -23.02 0.38
N ASP A 27 6.21 -22.54 0.01
CA ASP A 27 7.48 -22.81 0.68
C ASP A 27 7.51 -22.34 2.13
N GLY A 28 6.73 -21.31 2.45
CA GLY A 28 6.63 -20.79 3.81
C GLY A 28 6.60 -19.28 3.92
N PHE A 29 7.25 -18.59 2.96
CA PHE A 29 7.33 -17.13 2.92
C PHE A 29 5.96 -16.46 3.06
N HIS A 30 5.92 -15.28 3.70
CA HIS A 30 4.75 -14.45 3.83
C HIS A 30 5.15 -13.00 4.11
N LYS A 31 4.33 -12.05 3.66
CA LYS A 31 4.57 -10.62 3.84
C LYS A 31 3.23 -9.90 3.78
N ARG A 32 2.89 -9.12 4.83
CA ARG A 32 1.61 -8.39 4.88
C ARG A 32 1.88 -6.93 5.23
N THR A 33 1.43 -5.98 4.37
CA THR A 33 1.72 -4.54 4.53
C THR A 33 0.53 -3.56 4.43
N ILE A 34 0.64 -2.42 5.13
CA ILE A 34 -0.31 -1.31 5.07
C ILE A 34 0.38 -0.12 4.35
N SER A 35 -0.27 0.39 3.29
CA SER A 35 0.19 1.53 2.50
C SER A 35 -0.87 2.63 2.54
N VAL A 36 -0.46 3.86 2.21
CA VAL A 36 -1.34 5.02 2.25
C VAL A 36 -1.10 5.85 0.98
N ASP A 37 -2.19 6.47 0.44
CA ASP A 37 -2.20 7.34 -0.76
C ASP A 37 -1.32 6.76 -1.86
N ASN A 38 -1.56 5.51 -2.22
CA ASN A 38 -0.87 4.72 -3.25
C ASN A 38 0.69 4.76 -3.13
N GLY A 39 1.19 5.11 -1.94
CA GLY A 39 2.62 5.19 -1.71
C GLY A 39 3.28 3.85 -1.42
N ARG A 40 4.47 3.91 -0.79
CA ARG A 40 5.24 2.73 -0.40
C ARG A 40 4.70 2.23 0.96
N PRO A 41 4.99 0.97 1.44
CA PRO A 41 4.39 0.53 2.74
C PRO A 41 4.98 1.23 3.96
N VAL A 42 4.10 1.58 4.91
CA VAL A 42 4.46 2.27 6.15
C VAL A 42 4.47 1.29 7.34
N VAL A 43 3.72 0.15 7.23
CA VAL A 43 3.61 -0.93 8.23
C VAL A 43 3.95 -2.26 7.55
N VAL A 44 4.96 -3.00 8.05
CA VAL A 44 5.39 -4.25 7.40
C VAL A 44 5.57 -5.38 8.41
N TRP A 45 4.94 -6.52 8.09
CA TRP A 45 5.05 -7.77 8.82
C TRP A 45 5.86 -8.80 8.01
N ASP A 46 6.83 -9.45 8.66
CA ASP A 46 7.66 -10.53 8.10
C ASP A 46 7.87 -11.65 9.11
N ASP A 51 5.90 -8.74 15.75
CA ASP A 51 5.89 -7.27 15.79
C ASP A 51 6.16 -6.65 14.39
N PRO A 52 5.31 -5.72 13.91
CA PRO A 52 5.56 -5.11 12.59
C PRO A 52 6.62 -4.02 12.61
N LYS A 53 7.10 -3.63 11.42
CA LYS A 53 8.03 -2.52 11.23
C LYS A 53 7.12 -1.33 10.97
N ILE A 54 6.97 -0.43 11.95
CA ILE A 54 6.07 0.72 11.79
C ILE A 54 6.88 2.01 11.62
N CYS A 55 6.37 2.92 10.77
CA CYS A 55 7.02 4.20 10.52
C CYS A 55 6.89 5.14 11.75
N LYS A 56 7.79 6.14 11.88
CA LYS A 56 7.81 7.09 13.00
C LYS A 56 6.58 8.02 13.03
N ILE A 57 6.06 8.40 11.84
CA ILE A 57 4.90 9.28 11.70
C ILE A 57 3.57 8.46 11.72
N CYS A 58 3.65 7.14 11.95
CA CYS A 58 2.53 6.20 11.95
C CYS A 58 1.90 6.00 13.33
N PRO A 59 0.62 5.51 13.40
CA PRO A 59 0.02 5.27 14.72
C PRO A 59 0.62 4.03 15.38
N ALA A 60 0.53 3.93 16.73
CA ALA A 60 1.05 2.81 17.53
C ALA A 60 0.41 1.49 17.14
N VAL A 61 1.18 0.37 17.22
CA VAL A 61 0.77 -1.01 16.90
C VAL A 61 -0.57 -1.34 17.55
N ASN A 62 -0.75 -0.88 18.81
CA ASN A 62 -1.91 -1.00 19.66
C ASN A 62 -3.16 -0.37 19.04
N SER A 63 -2.98 0.78 18.34
CA SER A 63 -4.04 1.56 17.68
C SER A 63 -4.24 1.16 16.19
N ILE A 64 -3.67 0.01 15.77
CA ILE A 64 -3.75 -0.50 14.41
C ILE A 64 -4.27 -1.95 14.45
N ASN A 65 -4.68 -2.40 15.65
CA ASN A 65 -5.15 -3.76 15.85
C ASN A 65 -6.25 -4.22 14.86
N THR A 66 -7.27 -3.38 14.56
CA THR A 66 -8.37 -3.79 13.65
C THR A 66 -7.84 -4.12 12.26
N GLU A 67 -6.88 -3.31 11.75
CA GLU A 67 -6.22 -3.52 10.45
C GLU A 67 -5.28 -4.74 10.53
N ASN A 68 -4.70 -4.99 11.74
CA ASN A 68 -3.78 -6.10 12.02
C ASN A 68 -4.48 -7.45 11.81
N ILE A 69 -5.69 -7.64 12.40
CA ILE A 69 -6.46 -8.87 12.27
C ILE A 69 -6.92 -9.03 10.81
N PHE A 70 -7.38 -7.93 10.15
CA PHE A 70 -7.80 -8.00 8.75
C PHE A 70 -6.70 -8.61 7.91
N LEU A 71 -5.48 -8.17 8.11
CA LEU A 71 -4.36 -8.71 7.37
C LEU A 71 -4.12 -10.20 7.71
N ASP A 72 -4.25 -10.58 9.00
CA ASP A 72 -4.01 -11.96 9.40
C ASP A 72 -5.05 -12.90 8.83
N ILE A 73 -6.32 -12.46 8.76
CA ILE A 73 -7.42 -13.22 8.14
C ILE A 73 -7.02 -13.53 6.67
N GLN A 74 -6.47 -12.54 5.97
CA GLN A 74 -6.03 -12.65 4.58
C GLN A 74 -4.92 -13.66 4.43
N LYS A 75 -3.89 -13.65 5.32
CA LYS A 75 -2.80 -14.64 5.28
C LYS A 75 -3.45 -16.06 5.29
N MET A 76 -4.33 -16.29 6.29
CA MET A 76 -5.06 -17.54 6.51
C MET A 76 -5.88 -17.94 5.25
N ARG A 77 -6.60 -17.00 4.67
CA ARG A 77 -7.43 -17.25 3.52
C ARG A 77 -6.57 -17.64 2.33
N LEU A 78 -5.34 -17.10 2.23
CA LEU A 78 -4.45 -17.42 1.12
C LEU A 78 -3.83 -18.76 1.37
N ASN A 79 -3.31 -18.97 2.60
CA ASN A 79 -2.74 -20.26 3.00
C ASN A 79 -3.73 -21.39 2.76
N ASN A 80 -5.03 -21.09 2.91
CA ASN A 80 -6.13 -22.02 2.73
C ASN A 80 -6.35 -22.32 1.24
N LEU A 81 -6.36 -21.28 0.34
CA LEU A 81 -6.53 -21.47 -1.11
C LEU A 81 -5.44 -22.41 -1.63
N LEU A 82 -4.19 -22.22 -1.14
CA LEU A 82 -3.04 -23.05 -1.50
C LEU A 82 -3.13 -24.46 -0.90
N ALA A 83 -3.81 -24.59 0.25
CA ALA A 83 -3.98 -25.85 0.98
C ALA A 83 -5.05 -26.75 0.35
N GLN A 84 -6.07 -26.14 -0.32
CA GLN A 84 -7.22 -26.85 -0.87
C GLN A 84 -7.19 -27.00 -2.40
N GLY A 85 -6.52 -26.08 -3.06
CA GLY A 85 -6.40 -26.07 -4.52
C GLY A 85 -5.12 -25.41 -4.99
N LEU A 86 -5.08 -25.02 -6.27
CA LEU A 86 -3.94 -24.36 -6.93
C LEU A 86 -2.61 -25.04 -6.50
N TRP A 87 -2.38 -26.29 -6.93
CA TRP A 87 -1.19 -27.01 -6.48
C TRP A 87 0.03 -26.74 -7.35
N ASP A 88 -0.17 -26.37 -8.62
CA ASP A 88 0.94 -26.03 -9.50
C ASP A 88 1.42 -24.61 -9.17
N ILE A 89 0.48 -23.72 -8.79
CA ILE A 89 0.73 -22.34 -8.37
C ILE A 89 1.53 -22.37 -7.05
N GLN A 90 2.63 -21.62 -6.99
CA GLN A 90 3.55 -21.59 -5.85
C GLN A 90 3.41 -20.33 -4.97
N ARG A 91 2.93 -19.21 -5.54
CA ARG A 91 2.85 -17.94 -4.82
C ARG A 91 1.56 -17.19 -5.11
N ILE A 92 0.66 -17.13 -4.13
CA ILE A 92 -0.58 -16.37 -4.28
C ILE A 92 -0.35 -15.02 -3.59
N CYS A 93 -1.06 -13.99 -4.02
CA CYS A 93 -0.94 -12.64 -3.51
C CYS A 93 -2.28 -11.90 -3.61
N VAL A 94 -2.61 -11.02 -2.66
CA VAL A 94 -3.85 -10.23 -2.70
C VAL A 94 -3.59 -8.78 -2.24
N ARG A 95 -4.30 -7.81 -2.85
CA ARG A 95 -4.21 -6.39 -2.55
C ARG A 95 -5.61 -5.82 -2.49
N TYR A 96 -5.93 -5.12 -1.41
CA TYR A 96 -7.23 -4.47 -1.23
C TYR A 96 -6.98 -2.98 -1.32
N VAL A 97 -7.56 -2.29 -2.32
CA VAL A 97 -7.35 -0.85 -2.46
C VAL A 97 -8.58 -0.13 -1.91
N CYS A 98 -8.53 0.21 -0.63
CA CYS A 98 -9.66 0.83 0.07
C CYS A 98 -9.63 2.34 0.00
N LEU A 99 -10.66 2.91 -0.67
CA LEU A 99 -10.83 4.35 -0.80
C LEU A 99 -11.88 4.83 0.19
N PHE A 100 -11.50 5.83 0.97
CA PHE A 100 -12.37 6.42 1.98
C PHE A 100 -12.83 7.80 1.49
N LEU A 101 -14.15 7.97 1.26
CA LEU A 101 -14.76 9.23 0.85
C LEU A 101 -15.94 9.47 1.79
N GLY A 102 -15.62 10.02 2.97
CA GLY A 102 -16.58 10.30 4.02
C GLY A 102 -16.61 9.19 5.06
N PHE A 103 -17.76 8.54 5.20
CA PHE A 103 -17.94 7.43 6.14
C PHE A 103 -18.22 6.12 5.36
N ASP A 104 -17.93 6.14 4.05
CA ASP A 104 -18.14 5.01 3.17
C ASP A 104 -16.82 4.54 2.57
N VAL A 105 -16.62 3.21 2.54
CA VAL A 105 -15.42 2.60 1.95
C VAL A 105 -15.81 1.73 0.76
N VAL A 106 -15.00 1.81 -0.30
CA VAL A 106 -15.12 1.00 -1.51
C VAL A 106 -13.75 0.34 -1.68
N CYS A 107 -13.70 -0.98 -1.42
CA CYS A 107 -12.46 -1.74 -1.50
C CYS A 107 -12.43 -2.60 -2.75
N ASP A 108 -11.49 -2.29 -3.67
CA ASP A 108 -11.24 -3.03 -4.90
C ASP A 108 -10.24 -4.10 -4.57
N VAL A 109 -10.46 -5.32 -5.04
CA VAL A 109 -9.63 -6.46 -4.64
C VAL A 109 -8.80 -6.96 -5.83
N TYR A 110 -7.48 -7.13 -5.63
CA TYR A 110 -6.61 -7.61 -6.71
C TYR A 110 -5.87 -8.87 -6.25
N HIS A 111 -5.92 -9.95 -7.06
CA HIS A 111 -5.29 -11.25 -6.79
C HIS A 111 -4.29 -11.62 -7.85
N THR A 112 -3.20 -12.31 -7.47
CA THR A 112 -2.15 -12.72 -8.43
C THR A 112 -1.52 -14.04 -8.07
N THR A 113 -1.70 -15.03 -8.93
CA THR A 113 -1.05 -16.32 -8.79
C THR A 113 0.03 -16.35 -9.88
N ASP A 114 0.85 -17.40 -9.93
CA ASP A 114 1.89 -17.54 -10.95
C ASP A 114 1.31 -17.62 -12.36
N ARG A 115 0.05 -18.09 -12.49
CA ARG A 115 -0.58 -18.33 -13.79
C ARG A 115 -1.84 -17.45 -14.11
N VAL A 116 -2.34 -16.64 -13.14
CA VAL A 116 -3.53 -15.79 -13.36
C VAL A 116 -3.48 -14.45 -12.51
N ARG A 117 -4.07 -13.39 -13.06
CA ARG A 117 -4.23 -12.07 -12.44
C ARG A 117 -5.74 -11.76 -12.42
N ALA A 118 -6.32 -11.38 -11.30
CA ALA A 118 -7.74 -11.08 -11.27
C ALA A 118 -8.02 -9.76 -10.59
N ALA A 119 -8.94 -8.98 -11.13
CA ALA A 119 -9.26 -7.71 -10.51
C ALA A 119 -10.75 -7.62 -10.36
N TYR A 120 -11.22 -6.97 -9.34
CA TYR A 120 -12.64 -6.80 -9.18
C TYR A 120 -12.86 -5.43 -8.58
N THR A 121 -13.99 -4.82 -8.89
CA THR A 121 -14.25 -3.51 -8.38
C THR A 121 -15.66 -3.43 -7.92
N ARG A 122 -15.90 -2.85 -6.76
CA ARG A 122 -17.19 -3.07 -6.16
C ARG A 122 -18.46 -2.54 -6.85
N GLN A 123 -18.51 -1.29 -7.30
CA GLN A 123 -19.77 -0.85 -7.93
C GLN A 123 -19.96 -1.48 -9.26
N THR A 124 -18.90 -1.47 -10.05
CA THR A 124 -19.08 -1.94 -11.38
C THR A 124 -19.22 -3.41 -11.23
N GLY A 125 -18.82 -3.92 -10.06
CA GLY A 125 -18.90 -5.37 -9.91
C GLY A 125 -18.10 -6.13 -10.94
N LYS A 126 -17.47 -5.39 -11.89
CA LYS A 126 -16.67 -5.93 -12.99
C LYS A 126 -15.47 -6.72 -12.47
N ILE A 127 -15.42 -8.00 -12.88
CA ILE A 127 -14.33 -8.95 -12.60
C ILE A 127 -13.54 -9.08 -13.89
N ASP A 128 -12.26 -8.67 -13.84
CA ASP A 128 -11.32 -8.75 -14.95
C ASP A 128 -10.38 -9.89 -14.67
N ILE A 129 -10.37 -10.87 -15.56
CA ILE A 129 -9.50 -12.03 -15.38
C ILE A 129 -8.59 -12.12 -16.59
N GLN A 130 -7.29 -12.22 -16.29
CA GLN A 130 -6.27 -12.37 -17.31
C GLN A 130 -5.28 -13.44 -16.85
N GLY A 131 -5.02 -14.39 -17.73
CA GLY A 131 -4.13 -15.50 -17.47
C GLY A 131 -4.68 -16.83 -17.93
N SER A 132 -3.80 -17.83 -17.97
CA SER A 132 -4.14 -19.20 -18.36
C SER A 132 -4.65 -19.97 -17.14
N GLY A 133 -4.24 -19.47 -15.97
CA GLY A 133 -4.53 -20.03 -14.66
C GLY A 133 -5.98 -20.17 -14.26
N THR A 134 -6.16 -20.90 -13.14
CA THR A 134 -7.42 -21.24 -12.51
C THR A 134 -7.64 -20.37 -11.25
N PHE A 135 -8.82 -19.75 -11.19
CA PHE A 135 -9.32 -18.91 -10.12
C PHE A 135 -10.85 -18.95 -10.06
N SER A 136 -11.42 -18.68 -8.88
CA SER A 136 -12.86 -18.67 -8.69
C SER A 136 -13.34 -17.26 -8.68
N THR A 137 -14.44 -16.96 -9.38
CA THR A 137 -14.97 -15.59 -9.40
C THR A 137 -15.50 -15.15 -8.02
N SER A 138 -15.84 -16.12 -7.13
CA SER A 138 -16.25 -15.84 -5.76
C SER A 138 -15.00 -15.40 -4.93
N ASP A 139 -13.86 -16.11 -5.13
CA ASP A 139 -12.58 -15.79 -4.48
C ASP A 139 -12.10 -14.44 -4.94
N ALA A 140 -12.28 -14.11 -6.24
CA ALA A 140 -11.88 -12.83 -6.85
C ALA A 140 -12.35 -11.58 -6.06
N LYS A 141 -13.53 -11.66 -5.42
CA LYS A 141 -14.18 -10.56 -4.69
C LYS A 141 -13.66 -10.34 -3.21
N GLY A 142 -12.71 -11.16 -2.74
CA GLY A 142 -12.12 -11.08 -1.40
C GLY A 142 -13.09 -11.43 -0.26
N ILE A 143 -12.75 -11.00 0.99
CA ILE A 143 -13.50 -11.18 2.27
C ILE A 143 -12.97 -10.32 3.39
N GLY A 144 -13.80 -10.11 4.42
CA GLY A 144 -13.42 -9.41 5.63
C GLY A 144 -13.36 -7.90 5.55
N THR A 145 -13.87 -7.35 4.44
CA THR A 145 -14.00 -5.93 4.12
C THR A 145 -14.94 -5.26 5.15
N TYR A 146 -15.92 -6.02 5.69
CA TYR A 146 -16.87 -5.60 6.72
C TYR A 146 -16.12 -5.06 7.98
N MET A 147 -14.83 -5.40 8.11
CA MET A 147 -14.00 -4.96 9.23
C MET A 147 -13.56 -3.51 9.04
N ILE A 148 -13.19 -3.14 7.80
CA ILE A 148 -12.76 -1.78 7.46
C ILE A 148 -14.01 -0.90 7.30
N GLU A 149 -15.07 -1.48 6.69
CA GLU A 149 -16.35 -0.82 6.49
C GLU A 149 -17.06 -0.54 7.84
N SER A 150 -16.78 -1.37 8.89
CA SER A 150 -17.35 -1.24 10.24
C SER A 150 -16.58 -0.23 11.10
N ASN A 151 -15.27 -0.09 10.85
CA ASN A 151 -14.38 0.75 11.64
C ASN A 151 -13.92 2.04 10.87
N VAL A 152 -14.82 2.66 10.04
CA VAL A 152 -14.54 3.87 9.25
C VAL A 152 -14.05 5.00 10.13
N ARG A 153 -14.92 5.45 11.06
CA ARG A 153 -14.69 6.56 11.97
C ARG A 153 -13.35 6.39 12.69
N GLU A 154 -13.10 5.20 13.28
CA GLU A 154 -11.89 4.82 13.99
C GLU A 154 -10.63 4.94 13.09
N ILE A 155 -10.47 4.04 12.08
CA ILE A 155 -9.37 3.97 11.10
C ILE A 155 -9.02 5.38 10.57
N LYS A 156 -10.05 6.15 10.16
CA LYS A 156 -9.91 7.50 9.62
C LYS A 156 -9.29 8.45 10.64
N ASN A 157 -9.87 8.54 11.87
CA ASN A 157 -9.42 9.41 12.96
C ASN A 157 -8.01 9.03 13.44
N LYS A 158 -7.72 7.72 13.51
CA LYS A 158 -6.43 7.21 13.97
C LYS A 158 -5.34 7.36 12.90
N TRP A 159 -5.71 7.50 11.61
CA TRP A 159 -4.74 7.66 10.52
C TRP A 159 -4.70 9.08 9.91
N ARG A 160 -5.71 9.97 10.19
CA ARG A 160 -5.77 11.34 9.64
C ARG A 160 -4.44 12.11 9.80
N PRO A 161 -3.78 12.16 10.99
CA PRO A 161 -2.49 12.88 11.06
C PRO A 161 -1.44 12.25 10.16
N THR A 162 -1.24 10.93 10.25
CA THR A 162 -0.27 10.15 9.46
C THR A 162 -0.39 10.39 7.91
N VAL A 163 -1.62 10.31 7.36
CA VAL A 163 -1.90 10.39 5.91
C VAL A 163 -1.57 11.77 5.28
N GLN A 164 -1.63 12.88 6.05
CA GLN A 164 -1.39 14.23 5.51
C GLN A 164 0.01 14.76 5.88
N LYS A 165 0.61 14.27 6.99
CA LYS A 165 1.99 14.63 7.36
C LYS A 165 2.97 13.90 6.42
N LEU A 166 2.53 12.75 5.85
CA LEU A 166 3.28 11.94 4.87
C LEU A 166 3.35 12.70 3.53
N LYS A 167 2.24 13.36 3.18
CA LYS A 167 2.13 14.21 1.97
C LYS A 167 3.05 15.46 2.23
N GLN A 168 3.02 16.04 3.42
CA GLN A 168 3.78 17.28 3.66
C GLN A 168 5.30 17.12 3.86
N LEU A 169 5.76 15.88 3.53
CA LEU A 169 7.13 15.32 3.64
C LEU A 169 7.76 14.87 2.38
N GLY A 170 6.88 14.62 1.43
CA GLY A 170 7.21 14.24 0.06
C GLY A 170 7.22 15.46 -0.84
N TYR A 171 7.30 16.65 -0.19
CA TYR A 171 7.35 18.00 -0.77
C TYR A 171 8.76 18.29 -1.28
N MET A 172 8.88 19.26 -2.22
CA MET A 172 10.14 19.69 -2.80
C MET A 172 11.12 20.10 -1.71
N ASN A 173 10.69 21.02 -0.79
CA ASN A 173 11.53 21.54 0.30
C ASN A 173 11.76 20.52 1.43
N GLU A 174 11.52 19.21 1.17
CA GLU A 174 11.72 18.17 2.17
C GLU A 174 12.41 16.90 1.56
N THR A 175 13.04 17.06 0.38
CA THR A 175 13.81 16.00 -0.28
C THR A 175 15.28 16.40 -0.16
N GLU A 176 16.20 15.40 -0.10
CA GLU A 176 17.65 15.65 0.04
C GLU A 176 18.43 14.97 -1.11
N VAL A 177 18.98 15.80 -2.03
CA VAL A 177 19.79 15.39 -3.19
C VAL A 177 21.27 15.66 -2.84
N GLU A 178 22.18 14.76 -3.25
CA GLU A 178 23.61 14.89 -2.97
C GLU A 178 24.44 14.77 -4.26
N CYS A 189 24.65 10.94 -7.58
CA CYS A 189 23.38 11.59 -7.29
C CYS A 189 22.51 10.67 -6.44
N VAL A 190 22.43 10.96 -5.12
CA VAL A 190 21.65 10.19 -4.13
C VAL A 190 20.47 11.05 -3.66
N VAL A 191 19.23 10.62 -3.99
CA VAL A 191 18.01 11.33 -3.63
C VAL A 191 17.32 10.58 -2.49
N THR A 192 17.08 11.27 -1.35
CA THR A 192 16.45 10.68 -0.16
C THR A 192 15.30 11.56 0.37
N SER A 193 14.07 11.02 0.32
CA SER A 193 12.86 11.68 0.83
C SER A 193 12.23 10.80 1.89
N ARG A 194 12.18 11.27 3.14
CA ARG A 194 11.63 10.52 4.27
C ARG A 194 10.09 10.59 4.21
N SER A 195 9.51 9.94 3.17
CA SER A 195 8.06 9.85 2.88
C SER A 195 7.77 8.68 1.93
N ASN A 196 6.59 8.04 2.12
CA ASN A 196 6.14 6.87 1.35
C ASN A 196 5.76 7.24 -0.10
N VAL A 197 5.55 8.56 -0.38
CA VAL A 197 5.19 9.07 -1.72
C VAL A 197 6.33 8.71 -2.69
N PRO A 198 6.04 8.04 -3.83
CA PRO A 198 7.13 7.58 -4.70
C PRO A 198 7.67 8.64 -5.65
N PHE A 199 9.02 8.68 -5.77
CA PHE A 199 9.73 9.61 -6.65
C PHE A 199 10.56 8.85 -7.72
N THR A 200 11.24 9.60 -8.62
CA THR A 200 12.09 9.04 -9.68
C THR A 200 13.27 9.99 -9.95
N VAL A 201 14.44 9.43 -10.29
CA VAL A 201 15.68 10.18 -10.55
C VAL A 201 16.16 9.88 -11.98
N GLU A 202 16.44 10.94 -12.77
CA GLU A 202 16.91 10.83 -14.17
C GLU A 202 18.25 11.53 -14.36
N LEU A 203 19.23 10.83 -14.98
CA LEU A 203 20.57 11.36 -15.26
C LEU A 203 20.72 11.64 -16.76
N SER A 204 21.38 12.76 -17.11
CA SER A 204 21.58 13.19 -18.50
C SER A 204 22.75 12.44 -19.15
N ILE A 212 24.08 2.82 -13.82
CA ILE A 212 23.67 1.96 -12.71
C ILE A 212 22.70 2.74 -11.78
N VAL A 213 21.63 2.05 -11.38
CA VAL A 213 20.62 2.62 -10.50
C VAL A 213 20.33 1.67 -9.34
N THR A 214 20.66 2.13 -8.13
CA THR A 214 20.44 1.37 -6.91
C THR A 214 19.18 1.84 -6.19
N GLU A 215 18.09 1.08 -6.35
CA GLU A 215 16.82 1.42 -5.73
C GLU A 215 16.58 0.61 -4.46
N GLU A 216 15.92 1.22 -3.48
CA GLU A 216 15.64 0.53 -2.22
C GLU A 216 14.41 1.09 -1.51
N SER A 217 14.40 0.86 -0.19
CA SER A 217 13.32 1.29 0.71
C SER A 217 13.53 0.98 2.22
N THR A 218 12.63 1.56 3.02
CA THR A 218 12.52 1.47 4.48
C THR A 218 11.17 2.12 4.81
N VAL A 219 10.47 1.68 5.88
CA VAL A 219 9.17 2.27 6.28
C VAL A 219 9.30 3.79 6.59
N ASP A 220 10.52 4.23 6.89
CA ASP A 220 10.77 5.61 7.21
C ASP A 220 11.42 6.38 6.05
N CYS A 221 12.41 5.78 5.33
CA CYS A 221 13.06 6.49 4.21
C CYS A 221 13.11 5.68 2.90
N GLN A 222 13.06 6.41 1.78
CA GLN A 222 13.15 5.94 0.41
C GLN A 222 14.42 6.57 -0.21
N THR A 223 15.32 5.73 -0.78
CA THR A 223 16.58 6.20 -1.34
C THR A 223 16.85 5.57 -2.72
N VAL A 224 17.18 6.43 -3.71
CA VAL A 224 17.52 6.03 -5.08
C VAL A 224 18.87 6.69 -5.40
N THR A 225 19.83 5.86 -5.84
CA THR A 225 21.16 6.33 -6.17
C THR A 225 21.50 6.06 -7.64
N VAL A 226 22.08 7.07 -8.28
CA VAL A 226 22.49 6.97 -9.68
C VAL A 226 23.95 7.36 -9.79
N LYS A 227 24.81 6.38 -10.10
CA LYS A 227 26.24 6.62 -10.16
C LYS A 227 26.80 6.50 -11.58
N ALA A 228 27.73 7.38 -11.91
CA ALA A 228 28.39 7.38 -13.21
C ALA A 228 29.86 6.95 -13.11
N PRO A 229 30.34 6.01 -13.96
CA PRO A 229 31.75 5.58 -13.87
C PRO A 229 32.68 6.51 -14.66
N GLY A 230 32.90 7.70 -14.09
CA GLY A 230 33.76 8.72 -14.68
C GLY A 230 33.10 9.58 -15.76
N SER A 231 31.81 9.29 -16.07
CA SER A 231 31.03 10.01 -17.08
C SER A 231 30.50 11.34 -16.53
N HIS A 232 30.64 12.41 -17.32
CA HIS A 232 30.18 13.75 -16.97
C HIS A 232 28.70 13.92 -17.32
N ALA A 233 27.87 14.21 -16.31
CA ALA A 233 26.42 14.39 -16.47
C ALA A 233 26.03 15.87 -16.38
N GLN A 234 26.55 16.58 -15.36
CA GLN A 234 26.34 18.02 -15.05
C GLN A 234 24.89 18.37 -14.62
N ARG A 235 23.95 17.40 -14.69
CA ARG A 235 22.54 17.60 -14.32
C ARG A 235 21.91 16.31 -13.75
N CYS A 236 21.02 16.46 -12.77
CA CYS A 236 20.30 15.36 -12.11
C CYS A 236 18.83 15.75 -11.83
N TYR A 237 17.88 15.11 -12.55
CA TYR A 237 16.43 15.37 -12.44
C TYR A 237 15.75 14.53 -11.35
N VAL A 238 14.69 15.07 -10.69
CA VAL A 238 13.91 14.39 -9.63
C VAL A 238 12.41 14.77 -9.77
N THR A 239 11.52 13.76 -9.91
CA THR A 239 10.07 13.92 -10.10
C THR A 239 9.27 13.17 -9.01
N SER A 240 8.20 13.80 -8.48
CA SER A 240 7.33 13.22 -7.45
C SER A 240 5.96 12.84 -8.01
N SER A 241 5.28 11.86 -7.35
CA SER A 241 3.95 11.37 -7.72
C SER A 241 2.83 12.32 -7.24
N LEU A 242 3.17 13.41 -6.50
CA LEU A 242 2.18 14.39 -6.08
C LEU A 242 2.16 15.56 -7.10
N GLY A 243 3.09 15.51 -8.05
CA GLY A 243 3.22 16.45 -9.16
C GLY A 243 4.18 17.61 -8.98
N TRP A 244 5.50 17.34 -9.04
CA TRP A 244 6.57 18.37 -9.02
C TRP A 244 7.85 17.89 -9.72
N LYS A 245 8.69 18.84 -10.20
CA LYS A 245 9.95 18.53 -10.89
C LYS A 245 11.07 19.43 -10.38
N GLY A 246 12.30 18.89 -10.33
CA GLY A 246 13.47 19.61 -9.86
C GLY A 246 14.83 19.10 -10.35
N VAL A 247 15.86 19.98 -10.32
CA VAL A 247 17.25 19.72 -10.77
C VAL A 247 18.27 20.26 -9.74
N VAL A 248 19.39 19.56 -9.53
CA VAL A 248 20.46 20.00 -8.63
C VAL A 248 21.73 20.17 -9.48
N THR A 249 22.16 21.43 -9.65
CA THR A 249 23.32 21.83 -10.45
C THR A 249 24.06 23.01 -9.75
N PRO A 250 25.41 23.09 -9.75
CA PRO A 250 26.38 22.17 -10.37
C PRO A 250 26.83 21.01 -9.45
N PRO A 251 27.33 19.87 -10.00
CA PRO A 251 27.77 18.78 -9.13
C PRO A 251 29.11 19.09 -8.44
N SER A 252 29.17 18.87 -7.12
CA SER A 252 30.34 19.15 -6.29
C SER A 252 31.23 17.91 -6.13
N GLN A 253 32.52 18.13 -5.80
CA GLN A 253 33.53 17.09 -5.58
C GLN A 253 33.26 16.33 -4.27
N TYR A 254 32.60 17.00 -3.31
CA TYR A 254 32.24 16.45 -1.98
C TYR A 254 30.78 16.00 -1.94
N ARG A 255 30.41 15.20 -0.92
CA ARG A 255 29.05 14.70 -0.72
C ARG A 255 28.27 15.68 0.18
N THR A 256 27.89 16.83 -0.39
CA THR A 256 27.14 17.90 0.29
C THR A 256 25.63 17.73 0.08
N LYS A 257 24.84 17.96 1.15
CA LYS A 257 23.37 17.83 1.10
C LYS A 257 22.70 19.13 0.63
N ARG A 258 21.67 18.98 -0.24
CA ARG A 258 20.89 20.07 -0.83
C ARG A 258 19.46 19.60 -1.22
N ALA A 259 18.48 20.53 -1.11
CA ALA A 259 17.08 20.30 -1.48
C ALA A 259 16.90 20.48 -3.00
N PRO A 260 15.98 19.76 -3.70
CA PRO A 260 15.84 19.96 -5.16
C PRO A 260 15.51 21.41 -5.56
N VAL A 261 16.08 21.88 -6.69
CA VAL A 261 15.84 23.24 -7.20
C VAL A 261 14.83 23.15 -8.36
N ASN A 262 13.69 23.85 -8.18
CA ASN A 262 12.51 23.94 -9.06
C ASN A 262 12.83 24.08 -10.56
N ILE A 263 12.00 23.45 -11.42
CA ILE A 263 12.10 23.51 -12.89
C ILE A 263 10.74 23.16 -13.53
N SER B 3 -8.16 -22.18 8.57
CA SER B 3 -9.36 -22.94 8.92
C SER B 3 -10.57 -22.47 8.09
N MET B 4 -11.17 -23.40 7.30
CA MET B 4 -12.33 -23.10 6.46
C MET B 4 -13.55 -22.79 7.31
N GLU B 5 -13.48 -23.18 8.61
CA GLU B 5 -14.50 -22.95 9.62
C GLU B 5 -14.57 -21.45 9.95
N LEU B 6 -13.41 -20.82 10.29
CA LEU B 6 -13.38 -19.38 10.58
C LEU B 6 -13.74 -18.56 9.35
N LEU B 7 -13.29 -19.01 8.17
CA LEU B 7 -13.55 -18.33 6.91
C LEU B 7 -15.04 -18.36 6.56
N GLU B 8 -15.76 -19.43 7.00
CA GLU B 8 -17.22 -19.52 6.84
C GLU B 8 -17.89 -18.49 7.78
N TYR B 9 -17.35 -18.34 9.02
CA TYR B 9 -17.86 -17.38 9.99
C TYR B 9 -17.67 -15.96 9.48
N ILE B 10 -16.54 -15.67 8.85
CA ILE B 10 -16.25 -14.35 8.29
C ILE B 10 -17.18 -14.12 7.06
N LYS B 11 -17.39 -15.17 6.23
CA LYS B 11 -18.28 -15.12 5.05
C LYS B 11 -19.67 -14.69 5.48
N ARG B 12 -20.17 -15.34 6.53
CA ARG B 12 -21.49 -15.10 7.08
C ARG B 12 -21.57 -13.75 7.74
N GLU B 13 -20.47 -13.28 8.37
CA GLU B 13 -20.44 -11.98 9.05
C GLU B 13 -20.51 -10.82 8.09
N GLN B 14 -19.92 -10.97 6.88
CA GLN B 14 -19.96 -9.92 5.84
C GLN B 14 -21.37 -9.79 5.33
N GLU B 15 -22.09 -10.93 5.26
CA GLU B 15 -23.49 -11.00 4.85
C GLU B 15 -24.36 -10.29 5.91
N ARG B 16 -24.10 -10.52 7.23
CA ARG B 16 -24.83 -9.84 8.32
C ARG B 16 -24.56 -8.34 8.32
N TRP B 17 -23.34 -7.92 7.97
CA TRP B 17 -22.96 -6.51 7.89
C TRP B 17 -23.64 -5.84 6.68
N ASP B 18 -23.56 -6.48 5.49
CA ASP B 18 -24.14 -5.98 4.25
C ASP B 18 -25.66 -5.91 4.34
N SER B 19 -26.29 -6.82 5.12
CA SER B 19 -27.75 -6.84 5.30
C SER B 19 -28.20 -5.78 6.32
N GLU B 20 -27.51 -5.69 7.49
CA GLU B 20 -27.82 -4.74 8.57
C GLU B 20 -27.73 -3.29 8.11
N THR B 21 -26.77 -2.96 7.20
CA THR B 21 -26.60 -1.61 6.64
C THR B 21 -27.73 -1.31 5.64
N LYS B 22 -28.08 -2.31 4.78
CA LYS B 22 -29.15 -2.20 3.79
C LYS B 22 -30.55 -2.11 4.45
N SER B 23 -30.69 -2.63 5.69
CA SER B 23 -31.95 -2.61 6.45
C SER B 23 -31.95 -1.48 7.52
N VAL B 24 -31.68 -0.23 7.08
CA VAL B 24 -31.70 0.96 7.95
C VAL B 24 -32.63 2.01 7.31
C1 NAG C . 8.42 23.33 3.64
C2 NAG C . 8.75 23.72 5.08
C3 NAG C . 7.47 23.98 5.88
C4 NAG C . 6.58 24.98 5.16
C5 NAG C . 6.29 24.48 3.75
C6 NAG C . 5.44 25.42 2.92
C7 NAG C . 10.90 22.68 5.78
C8 NAG C . 11.51 21.63 6.65
N2 NAG C . 9.55 22.69 5.73
O3 NAG C . 7.78 24.44 7.19
O4 NAG C . 5.37 25.15 5.89
O5 NAG C . 7.52 24.29 3.04
O6 NAG C . 5.03 24.81 1.70
O7 NAG C . 11.58 23.50 5.16
#